data_230D
#
_entry.id   230D
#
_cell.length_a   1.000
_cell.length_b   1.000
_cell.length_c   1.000
_cell.angle_alpha   90.00
_cell.angle_beta   90.00
_cell.angle_gamma   90.00
#
_symmetry.space_group_name_H-M   'P 1'
#
_entity_poly.entity_id   1
_entity_poly.type   'polydeoxyribonucleotide'
_entity_poly.pdbx_seq_one_letter_code
;(DG)(DG)(DG)(DG)(DT)(DU)(DT)(DU)(DG)(DG)(DG)(DG)(DT)(DT)(DT)(DT)(DG)(DG)(DG)(DG)
(DU)(DU)(DT)(DT)(DG)(DG)(DG)(DI)
;
_entity_poly.pdbx_strand_id   A
#
loop_
_chem_comp.id
_chem_comp.type
_chem_comp.name
_chem_comp.formula
DG DNA linking 2'-DEOXYGUANOSINE-5'-MONOPHOSPHATE 'C10 H14 N5 O7 P'
DI DNA linking 2'-DEOXYINOSINE-5'-MONOPHOSPHATE 'C10 H13 N4 O7 P'
DT DNA linking THYMIDINE-5'-MONOPHOSPHATE 'C10 H15 N2 O8 P'
DU DNA linking 2'-DEOXYURIDINE-5'-MONOPHOSPHATE 'C9 H13 N2 O8 P'
#